data_2CC1
#
_entry.id   2CC1
#
_cell.length_a   35.660
_cell.length_b   73.420
_cell.length_c   91.320
_cell.angle_alpha   90.00
_cell.angle_beta   90.00
_cell.angle_gamma   90.00
#
_symmetry.space_group_name_H-M   'P 21 21 21'
#
loop_
_entity.id
_entity.type
_entity.pdbx_description
1 polymer Beta-lactamase
2 water water
#
_entity_poly.entity_id   1
_entity_poly.type   'polypeptide(L)'
_entity_poly.pdbx_seq_one_letter_code
;APIDDQLAELERRDNVLIGLYAANLQSGRRITHRPDEMFAMCSTFKGYVAARVLQMAEHGEISLDNRVFVDADALVPNSP
VTEARAGAEMTLAELCQAALQRSDNTAANLLLKTIGGPAAVTAFARSVGDERTRLDRWEVELNSAIPGDPRDTSTPAALA
VGYRAILAGDALSPPQRGLLEDWMRANQTSSMRAGLPEGWTTADKTGSGDYGSTNDAGIAFGPDGQRLLLVMMTRSQAHD
PKAENLRPLIGELTALVLPSLL
;
_entity_poly.pdbx_strand_id   A
#
# COMPACT_ATOMS: atom_id res chain seq x y z
N ALA A 1 -22.99 7.56 -13.60
CA ALA A 1 -21.59 7.88 -13.98
C ALA A 1 -21.14 7.04 -15.19
N PRO A 2 -20.55 7.69 -16.22
CA PRO A 2 -20.10 6.94 -17.42
C PRO A 2 -18.83 6.11 -17.19
N ILE A 3 -17.96 6.61 -16.32
CA ILE A 3 -16.73 5.94 -15.88
C ILE A 3 -17.12 4.79 -14.95
N ASP A 4 -18.27 4.94 -14.31
CA ASP A 4 -18.90 3.87 -13.61
C ASP A 4 -19.25 2.68 -14.50
N ASP A 5 -19.69 2.93 -15.74
CA ASP A 5 -20.10 1.84 -16.64
C ASP A 5 -18.88 1.18 -17.24
N GLN A 6 -17.83 1.98 -17.41
CA GLN A 6 -16.58 1.45 -17.91
C GLN A 6 -15.96 0.48 -16.90
N LEU A 7 -16.11 0.78 -15.62
CA LEU A 7 -15.55 -0.07 -14.57
C LEU A 7 -16.34 -1.38 -14.40
N ALA A 8 -17.66 -1.32 -14.60
CA ALA A 8 -18.51 -2.49 -14.55
C ALA A 8 -18.15 -3.40 -15.73
N GLU A 9 -17.84 -2.79 -16.87
CA GLU A 9 -17.35 -3.53 -17.99
C GLU A 9 -16.02 -4.26 -17.72
N LEU A 10 -15.04 -3.58 -17.13
CA LEU A 10 -13.82 -4.25 -16.76
C LEU A 10 -14.07 -5.41 -15.77
N GLU A 11 -14.97 -5.20 -14.80
CA GLU A 11 -15.30 -6.26 -13.87
C GLU A 11 -15.86 -7.48 -14.61
N ARG A 12 -16.77 -7.23 -15.56
CA ARG A 12 -17.47 -8.28 -16.30
C ARG A 12 -16.49 -9.02 -17.18
N ARG A 13 -15.56 -8.28 -17.77
CA ARG A 13 -14.68 -8.83 -18.76
C ARG A 13 -13.66 -9.74 -18.13
N ASP A 14 -13.19 -9.34 -16.95
CA ASP A 14 -12.06 -10.00 -16.31
C ASP A 14 -12.46 -10.84 -15.10
N ASN A 15 -13.75 -10.84 -14.78
CA ASN A 15 -14.31 -11.55 -13.61
C ASN A 15 -13.59 -11.09 -12.32
N VAL A 16 -13.63 -9.77 -12.07
CA VAL A 16 -12.92 -9.15 -10.95
C VAL A 16 -13.85 -8.22 -10.23
N LEU A 17 -13.39 -7.78 -9.06
CA LEU A 17 -14.03 -6.69 -8.35
C LEU A 17 -13.02 -5.58 -8.24
N ILE A 18 -13.45 -4.38 -8.61
CA ILE A 18 -12.57 -3.22 -8.64
C ILE A 18 -12.90 -2.20 -7.55
N GLY A 19 -11.99 -1.96 -6.66
CA GLY A 19 -12.24 -0.96 -5.63
C GLY A 19 -11.34 0.20 -5.96
N LEU A 20 -11.89 1.39 -6.00
CA LEU A 20 -11.12 2.53 -6.46
C LEU A 20 -11.48 3.76 -5.65
N TYR A 21 -10.44 4.47 -5.21
CA TYR A 21 -10.62 5.83 -4.75
C TYR A 21 -9.53 6.63 -5.43
N ALA A 22 -9.91 7.55 -6.33
CA ALA A 22 -8.99 8.40 -7.06
C ALA A 22 -9.43 9.83 -6.83
N ALA A 23 -8.49 10.68 -6.41
CA ALA A 23 -8.76 12.10 -6.15
C ALA A 23 -7.68 12.94 -6.79
N ASN A 24 -8.10 14.05 -7.40
CA ASN A 24 -7.15 15.09 -7.79
C ASN A 24 -6.88 15.98 -6.58
N LEU A 25 -5.64 15.99 -6.08
CA LEU A 25 -5.39 16.74 -4.85
C LEU A 25 -5.44 18.24 -5.03
N GLN A 26 -5.34 18.74 -6.28
CA GLN A 26 -5.36 20.16 -6.52
C GLN A 26 -6.75 20.69 -6.74
N SER A 27 -7.56 19.95 -7.48
CA SER A 27 -8.93 20.36 -7.76
C SER A 27 -9.90 19.87 -6.72
N GLY A 28 -9.54 18.81 -5.98
CA GLY A 28 -10.43 18.23 -4.95
C GLY A 28 -11.48 17.30 -5.52
N ARG A 29 -11.42 17.09 -6.81
CA ARG A 29 -12.27 16.11 -7.44
C ARG A 29 -11.89 14.66 -7.08
N ARG A 30 -12.92 13.86 -6.83
CA ARG A 30 -12.74 12.46 -6.52
C ARG A 30 -13.70 11.58 -7.35
N ILE A 31 -13.24 10.36 -7.61
CA ILE A 31 -13.88 9.31 -8.37
C ILE A 31 -13.67 7.98 -7.56
N THR A 32 -14.70 7.14 -7.56
CA THR A 32 -14.93 6.15 -6.57
C THR A 32 -15.60 4.98 -7.29
N HIS A 33 -15.24 3.75 -6.87
CA HIS A 33 -15.93 2.54 -7.25
C HIS A 33 -15.76 1.58 -6.09
N ARG A 34 -16.86 1.11 -5.50
CA ARG A 34 -16.78 0.23 -4.30
C ARG A 34 -15.80 0.80 -3.25
N PRO A 35 -15.92 2.13 -2.94
CA PRO A 35 -14.93 2.74 -2.06
C PRO A 35 -15.04 2.20 -0.63
N ASP A 36 -16.19 1.60 -0.29
CA ASP A 36 -16.49 1.18 1.06
C ASP A 36 -16.60 -0.34 1.15
N GLU A 37 -16.23 -1.04 0.08
CA GLU A 37 -16.15 -2.49 0.18
C GLU A 37 -14.80 -2.99 0.64
N MET A 38 -14.83 -4.12 1.29
CA MET A 38 -13.70 -4.55 2.01
C MET A 38 -12.85 -5.44 1.09
N PHE A 39 -11.53 -5.19 1.06
CA PHE A 39 -10.58 -5.95 0.24
C PHE A 39 -9.40 -6.27 1.12
N ALA A 40 -8.82 -7.45 0.93
CA ALA A 40 -7.56 -7.76 1.58
C ALA A 40 -6.54 -6.69 1.24
N MET A 41 -5.85 -6.14 2.24
CA MET A 41 -4.89 -5.09 1.92
C MET A 41 -3.53 -5.57 1.44
N CYS A 42 -3.19 -6.80 1.83
CA CYS A 42 -1.92 -7.36 1.54
C CYS A 42 -0.84 -6.36 1.85
N SER A 43 0.22 -6.24 1.02
CA SER A 43 1.40 -5.43 1.39
C SER A 43 1.19 -3.92 1.55
N THR A 44 0.04 -3.40 1.14
CA THR A 44 -0.25 -1.96 1.35
C THR A 44 -0.23 -1.51 2.84
N PHE A 45 -0.30 -2.45 3.78
CA PHE A 45 -0.18 -2.10 5.21
C PHE A 45 1.23 -1.60 5.56
N LYS A 46 2.19 -1.94 4.72
CA LYS A 46 3.58 -1.53 4.91
C LYS A 46 3.83 -0.02 4.93
N GLY A 47 3.08 0.77 4.16
CA GLY A 47 3.16 2.22 4.28
C GLY A 47 2.85 2.70 5.69
N TYR A 48 1.80 2.16 6.27
CA TYR A 48 1.40 2.55 7.62
C TYR A 48 2.48 2.18 8.66
N VAL A 49 3.07 1.00 8.48
CA VAL A 49 4.16 0.53 9.31
C VAL A 49 5.35 1.51 9.25
N ALA A 50 5.84 1.79 8.04
CA ALA A 50 6.96 2.71 7.87
C ALA A 50 6.62 4.09 8.42
N ALA A 51 5.38 4.55 8.19
CA ALA A 51 4.90 5.82 8.69
C ALA A 51 4.96 5.86 10.21
N ARG A 52 4.59 4.76 10.86
CA ARG A 52 4.58 4.73 12.30
C ARG A 52 5.99 4.73 12.86
N VAL A 53 6.91 4.08 12.16
CA VAL A 53 8.30 4.05 12.53
C VAL A 53 8.85 5.46 12.52
N LEU A 54 8.77 6.15 11.38
CA LEU A 54 8.99 7.60 11.30
C LEU A 54 8.34 8.44 12.40
N GLN A 55 7.08 8.20 12.70
CA GLN A 55 6.45 8.93 13.84
C GLN A 55 7.21 8.72 15.13
N MET A 56 7.55 7.46 15.42
CA MET A 56 8.24 7.11 16.66
C MET A 56 9.66 7.65 16.72
N ALA A 57 10.36 7.68 15.59
CA ALA A 57 11.68 8.33 15.49
C ALA A 57 11.63 9.85 15.75
N GLU A 58 10.56 10.50 15.31
CA GLU A 58 10.38 11.95 15.49
C GLU A 58 10.53 12.34 16.93
N HIS A 59 9.87 11.58 17.80
CA HIS A 59 9.83 11.79 19.23
C HIS A 59 10.97 11.08 19.98
N GLY A 60 11.85 10.35 19.30
CA GLY A 60 12.99 9.74 19.99
C GLY A 60 12.66 8.44 20.76
N GLU A 61 11.51 7.85 20.44
CA GLU A 61 11.05 6.63 21.04
C GLU A 61 11.92 5.46 20.49
N ILE A 62 12.19 5.50 19.20
CA ILE A 62 13.26 4.74 18.58
C ILE A 62 14.10 5.71 17.74
N SER A 63 15.14 5.15 17.18
CA SER A 63 15.97 5.84 16.26
C SER A 63 16.06 5.00 14.96
N LEU A 64 15.90 5.65 13.82
CA LEU A 64 16.10 5.06 12.49
C LEU A 64 17.35 4.23 12.25
N ASP A 65 18.44 4.54 12.94
CA ASP A 65 19.70 3.81 12.82
C ASP A 65 19.85 2.75 13.96
N ASN A 66 18.85 2.62 14.83
CA ASN A 66 18.70 1.40 15.72
C ASN A 66 18.86 0.11 14.87
N ARG A 67 19.63 -0.86 15.38
CA ARG A 67 19.91 -2.10 14.64
C ARG A 67 19.00 -3.24 15.09
N VAL A 68 18.65 -4.10 14.14
CA VAL A 68 17.78 -5.21 14.45
C VAL A 68 18.47 -6.40 13.85
N PHE A 69 18.49 -7.45 14.62
CA PHE A 69 19.09 -8.66 14.14
C PHE A 69 18.15 -9.45 13.23
N VAL A 70 18.67 -9.81 12.06
CA VAL A 70 17.92 -10.63 11.09
C VAL A 70 18.22 -12.12 11.35
N ASP A 71 17.32 -12.80 12.05
CA ASP A 71 17.46 -14.24 12.26
C ASP A 71 17.03 -14.96 10.97
N ALA A 72 17.90 -15.85 10.49
CA ALA A 72 17.62 -16.73 9.37
C ALA A 72 16.33 -17.53 9.57
N ASP A 73 16.04 -17.86 10.85
CA ASP A 73 14.85 -18.64 11.19
C ASP A 73 13.56 -17.80 11.05
N ALA A 74 13.71 -16.49 11.23
CA ALA A 74 12.62 -15.56 11.08
C ALA A 74 12.32 -15.22 9.62
N LEU A 75 13.11 -15.73 8.67
CA LEU A 75 12.91 -15.39 7.26
C LEU A 75 11.70 -16.10 6.69
N VAL A 76 11.03 -15.45 5.76
CA VAL A 76 9.71 -15.82 5.33
C VAL A 76 9.78 -15.54 3.84
N PRO A 77 8.95 -16.21 3.01
CA PRO A 77 9.15 -15.91 1.58
C PRO A 77 9.05 -14.44 1.13
N ASN A 78 9.66 -14.15 -0.02
CA ASN A 78 9.70 -12.83 -0.61
C ASN A 78 10.40 -11.87 0.30
N SER A 79 11.63 -12.21 0.68
CA SER A 79 12.45 -11.35 1.48
C SER A 79 13.81 -11.15 0.80
N PRO A 80 13.83 -10.51 -0.41
CA PRO A 80 15.08 -10.35 -1.16
C PRO A 80 16.19 -9.58 -0.41
N VAL A 81 15.84 -8.50 0.31
CA VAL A 81 16.84 -7.75 1.08
C VAL A 81 17.21 -8.33 2.45
N THR A 82 16.24 -8.76 3.26
CA THR A 82 16.57 -9.35 4.55
C THR A 82 17.37 -10.68 4.38
N GLU A 83 17.02 -11.55 3.41
CA GLU A 83 17.82 -12.75 3.07
C GLU A 83 19.34 -12.44 2.97
N ALA A 84 19.72 -11.37 2.25
CA ALA A 84 21.14 -10.97 2.03
C ALA A 84 21.85 -10.66 3.33
N ARG A 85 21.08 -10.37 4.36
CA ARG A 85 21.64 -9.93 5.60
C ARG A 85 21.27 -10.85 6.77
N ALA A 86 20.75 -12.06 6.45
CA ALA A 86 20.39 -13.05 7.47
C ALA A 86 21.62 -13.35 8.31
N GLY A 87 21.46 -13.37 9.63
CA GLY A 87 22.57 -13.62 10.51
C GLY A 87 23.34 -12.36 10.85
N ALA A 88 22.94 -11.24 10.23
CA ALA A 88 23.48 -9.92 10.55
C ALA A 88 22.39 -8.90 11.00
N GLU A 89 22.75 -7.61 11.04
CA GLU A 89 21.81 -6.60 11.48
C GLU A 89 21.50 -5.65 10.35
N MET A 90 20.28 -5.14 10.33
CA MET A 90 19.92 -4.02 9.45
C MET A 90 19.43 -2.88 10.37
N THR A 91 19.41 -1.65 9.90
CA THR A 91 18.85 -0.60 10.73
C THR A 91 17.36 -0.55 10.47
N LEU A 92 16.61 0.11 11.33
CA LEU A 92 15.17 0.31 11.09
C LEU A 92 14.92 1.03 9.75
N ALA A 93 15.74 2.03 9.42
CA ALA A 93 15.61 2.79 8.18
C ALA A 93 15.80 1.83 6.99
N GLU A 94 16.79 0.95 7.05
CA GLU A 94 16.96 -0.08 6.03
C GLU A 94 15.78 -1.02 5.92
N LEU A 95 15.20 -1.36 7.06
CA LEU A 95 14.13 -2.32 7.02
C LEU A 95 12.90 -1.71 6.36
N CYS A 96 12.70 -0.42 6.63
CA CYS A 96 11.61 0.39 6.10
C CYS A 96 11.76 0.43 4.63
N GLN A 97 12.92 0.82 4.13
CA GLN A 97 13.05 0.82 2.66
C GLN A 97 12.95 -0.57 2.04
N ALA A 98 13.48 -1.61 2.68
CA ALA A 98 13.25 -2.97 2.14
C ALA A 98 11.73 -3.29 2.05
N ALA A 99 10.96 -2.99 3.11
CA ALA A 99 9.51 -3.27 3.13
C ALA A 99 8.77 -2.50 2.05
N LEU A 100 9.11 -1.21 1.94
CA LEU A 100 8.43 -0.33 1.01
C LEU A 100 8.85 -0.50 -0.41
N GLN A 101 10.14 -0.71 -0.65
CA GLN A 101 10.67 -0.70 -2.00
C GLN A 101 10.60 -2.04 -2.71
N ARG A 102 10.70 -3.13 -1.94
CA ARG A 102 10.77 -4.45 -2.57
C ARG A 102 9.73 -5.36 -1.94
N SER A 103 8.91 -4.78 -1.08
CA SER A 103 7.87 -5.51 -0.37
C SER A 103 8.45 -6.65 0.46
N ASP A 104 9.60 -6.41 1.06
CA ASP A 104 10.31 -7.44 1.76
C ASP A 104 9.48 -7.89 2.96
N ASN A 105 9.11 -9.17 2.99
CA ASN A 105 8.16 -9.65 3.99
C ASN A 105 8.70 -9.76 5.39
N THR A 106 9.90 -10.29 5.51
CA THR A 106 10.52 -10.40 6.79
C THR A 106 10.84 -9.01 7.31
N ALA A 107 11.23 -8.08 6.45
CA ALA A 107 11.46 -6.70 6.93
C ALA A 107 10.23 -6.16 7.66
N ALA A 108 9.05 -6.41 7.09
CA ALA A 108 7.76 -5.96 7.64
C ALA A 108 7.43 -6.63 9.01
N ASN A 109 7.71 -7.93 9.14
CA ASN A 109 7.58 -8.65 10.40
C ASN A 109 8.48 -8.11 11.49
N LEU A 110 9.72 -7.81 11.16
CA LEU A 110 10.63 -7.17 12.05
C LEU A 110 10.14 -5.79 12.46
N LEU A 111 9.68 -5.00 11.47
CA LEU A 111 9.14 -3.68 11.76
C LEU A 111 7.91 -3.79 12.65
N LEU A 112 7.04 -4.78 12.38
CA LEU A 112 5.87 -5.02 13.20
C LEU A 112 6.18 -5.38 14.67
N LYS A 113 7.19 -6.24 14.89
CA LYS A 113 7.73 -6.52 16.23
C LYS A 113 8.20 -5.29 16.96
N THR A 114 8.84 -4.37 16.25
CA THR A 114 9.26 -3.13 16.85
C THR A 114 8.10 -2.22 17.22
N ILE A 115 7.11 -2.07 16.33
CA ILE A 115 6.07 -1.05 16.58
C ILE A 115 4.88 -1.57 17.42
N GLY A 116 4.81 -2.87 17.65
CA GLY A 116 3.70 -3.45 18.46
C GLY A 116 2.77 -4.39 17.71
N GLY A 117 3.24 -4.95 16.60
CA GLY A 117 2.45 -5.95 15.93
C GLY A 117 1.28 -5.40 15.14
N PRO A 118 0.44 -6.30 14.65
CA PRO A 118 -0.77 -6.00 13.90
C PRO A 118 -1.72 -5.00 14.58
N ALA A 119 -1.98 -5.16 15.87
CA ALA A 119 -2.80 -4.18 16.56
C ALA A 119 -2.27 -2.76 16.49
N ALA A 120 -0.93 -2.58 16.47
CA ALA A 120 -0.32 -1.24 16.32
C ALA A 120 -0.59 -0.57 14.98
N VAL A 121 -0.73 -1.38 13.94
CA VAL A 121 -1.05 -0.93 12.61
C VAL A 121 -2.52 -0.45 12.59
N THR A 122 -3.42 -1.26 13.13
CA THR A 122 -4.79 -0.86 13.37
C THR A 122 -4.90 0.47 14.14
N ALA A 123 -4.17 0.61 15.22
CA ALA A 123 -4.23 1.82 16.01
C ALA A 123 -3.73 3.00 15.19
N PHE A 124 -2.64 2.77 14.46
CA PHE A 124 -2.14 3.77 13.58
C PHE A 124 -3.19 4.28 12.55
N ALA A 125 -3.86 3.34 11.88
CA ALA A 125 -4.97 3.57 10.96
C ALA A 125 -6.00 4.50 11.60
N ARG A 126 -6.47 4.13 12.78
CA ARG A 126 -7.39 4.97 13.49
C ARG A 126 -6.82 6.36 13.74
N SER A 127 -5.55 6.46 14.15
CA SER A 127 -4.99 7.74 14.50
C SER A 127 -5.02 8.71 13.33
N VAL A 128 -4.99 8.19 12.09
CA VAL A 128 -4.98 9.07 10.92
C VAL A 128 -6.34 9.22 10.24
N GLY A 129 -7.42 8.76 10.85
CA GLY A 129 -8.72 8.93 10.22
C GLY A 129 -9.24 7.72 9.44
N ASP A 130 -8.41 6.69 9.38
CA ASP A 130 -8.73 5.45 8.68
C ASP A 130 -9.54 4.55 9.61
N GLU A 131 -10.81 4.36 9.31
CA GLU A 131 -11.69 3.66 10.23
C GLU A 131 -12.04 2.23 9.83
N ARG A 132 -11.40 1.76 8.76
CA ARG A 132 -11.73 0.45 8.22
C ARG A 132 -10.59 -0.59 8.25
N THR A 133 -9.35 -0.14 8.09
CA THR A 133 -8.13 -0.97 8.12
C THR A 133 -8.05 -1.74 9.43
N ARG A 134 -7.83 -3.04 9.33
CA ARG A 134 -7.55 -3.86 10.51
C ARG A 134 -6.44 -4.79 10.05
N LEU A 135 -5.33 -4.81 10.77
CA LEU A 135 -4.36 -5.87 10.56
C LEU A 135 -4.51 -6.82 11.72
N ASP A 136 -4.58 -8.10 11.38
CA ASP A 136 -4.79 -9.16 12.36
C ASP A 136 -3.62 -10.14 12.37
N ARG A 137 -2.97 -10.37 11.23
CA ARG A 137 -1.95 -11.43 11.20
C ARG A 137 -0.57 -10.93 10.77
N TRP A 138 0.42 -11.82 10.72
CA TRP A 138 1.76 -11.40 10.26
C TRP A 138 1.98 -11.85 8.84
N GLU A 139 3.09 -11.49 8.25
CA GLU A 139 3.51 -12.04 6.95
C GLU A 139 3.91 -13.48 7.19
N VAL A 140 3.60 -14.40 6.27
CA VAL A 140 2.80 -14.18 5.07
C VAL A 140 1.31 -14.62 5.18
N GLU A 141 0.83 -15.02 6.37
CA GLU A 141 -0.58 -15.41 6.55
C GLU A 141 -1.58 -14.36 6.16
N LEU A 142 -1.23 -13.08 6.41
CA LEU A 142 -2.16 -11.96 6.11
C LEU A 142 -2.67 -11.86 4.67
N ASN A 143 -1.96 -12.49 3.75
CA ASN A 143 -2.30 -12.38 2.32
C ASN A 143 -3.34 -13.40 1.84
N SER A 144 -3.94 -14.13 2.76
CA SER A 144 -4.82 -15.24 2.43
C SER A 144 -6.13 -14.75 1.76
N ALA A 145 -6.64 -13.57 2.15
CA ALA A 145 -7.66 -12.89 1.36
C ALA A 145 -8.91 -13.74 1.04
N ILE A 146 -9.33 -14.61 1.97
CA ILE A 146 -10.52 -15.46 1.84
C ILE A 146 -11.72 -14.51 1.70
N PRO A 147 -12.59 -14.77 0.69
CA PRO A 147 -13.78 -13.92 0.49
C PRO A 147 -14.62 -13.88 1.78
N GLY A 148 -15.09 -12.69 2.18
CA GLY A 148 -15.91 -12.57 3.37
C GLY A 148 -15.12 -12.49 4.67
N ASP A 149 -13.83 -12.81 4.62
CA ASP A 149 -12.99 -12.81 5.82
C ASP A 149 -12.52 -11.37 6.12
N PRO A 150 -12.93 -10.79 7.26
CA PRO A 150 -12.60 -9.41 7.52
C PRO A 150 -11.13 -9.22 7.93
N ARG A 151 -10.42 -10.30 8.20
CA ARG A 151 -9.05 -10.15 8.66
C ARG A 151 -8.16 -9.51 7.60
N ASP A 152 -7.34 -8.56 8.06
CA ASP A 152 -6.26 -7.92 7.27
C ASP A 152 -6.80 -7.25 6.04
N THR A 153 -7.97 -6.68 6.22
CA THR A 153 -8.67 -5.96 5.17
C THR A 153 -8.67 -4.44 5.38
N SER A 154 -8.88 -3.70 4.29
CA SER A 154 -9.31 -2.31 4.38
C SER A 154 -10.37 -2.03 3.28
N THR A 155 -10.62 -0.76 2.98
CA THR A 155 -11.52 -0.37 1.87
C THR A 155 -10.78 0.66 1.02
N PRO A 156 -11.17 0.83 -0.26
CA PRO A 156 -10.44 1.89 -1.04
C PRO A 156 -10.43 3.30 -0.36
N ALA A 157 -11.58 3.72 0.20
CA ALA A 157 -11.73 5.04 0.86
C ALA A 157 -10.90 5.13 2.11
N ALA A 158 -10.92 4.07 2.93
CA ALA A 158 -10.17 4.04 4.20
C ALA A 158 -8.66 4.15 4.00
N LEU A 159 -8.09 3.31 3.13
CA LEU A 159 -6.71 3.41 2.67
C LEU A 159 -6.36 4.71 2.00
N ALA A 160 -7.28 5.30 1.24
CA ALA A 160 -7.00 6.63 0.66
C ALA A 160 -6.77 7.68 1.73
N VAL A 161 -7.62 7.74 2.73
CA VAL A 161 -7.44 8.71 3.83
C VAL A 161 -6.07 8.54 4.52
N GLY A 162 -5.67 7.29 4.79
CA GLY A 162 -4.41 7.05 5.50
C GLY A 162 -3.19 7.31 4.64
N TYR A 163 -3.24 6.81 3.40
CA TYR A 163 -2.22 7.16 2.42
C TYR A 163 -2.08 8.68 2.17
N ARG A 164 -3.20 9.36 1.97
CA ARG A 164 -3.20 10.84 1.98
C ARG A 164 -2.58 11.41 3.25
N ALA A 165 -3.06 10.99 4.42
CA ALA A 165 -2.46 11.42 5.70
C ALA A 165 -0.94 11.34 5.71
N ILE A 166 -0.41 10.17 5.38
CA ILE A 166 1.01 9.96 5.55
C ILE A 166 1.86 10.61 4.44
N LEU A 167 1.32 10.81 3.26
CA LEU A 167 2.14 11.32 2.17
C LEU A 167 1.91 12.79 1.84
N ALA A 168 0.77 13.33 2.25
CA ALA A 168 0.29 14.64 1.86
C ALA A 168 -0.40 15.37 3.03
N GLY A 169 -0.39 14.77 4.21
CA GLY A 169 -1.11 15.30 5.36
C GLY A 169 -0.19 15.45 6.52
N ASP A 170 -0.74 15.32 7.73
CA ASP A 170 -0.05 15.78 8.94
C ASP A 170 0.30 14.66 9.90
N ALA A 171 0.21 13.41 9.44
CA ALA A 171 0.63 12.30 10.31
C ALA A 171 2.07 12.50 10.73
N LEU A 172 2.91 12.95 9.80
CA LEU A 172 4.34 13.16 10.04
C LEU A 172 4.61 14.64 9.96
N SER A 173 5.64 15.12 10.64
CA SER A 173 6.05 16.51 10.46
C SER A 173 6.53 16.60 9.03
N PRO A 174 6.37 17.77 8.40
CA PRO A 174 6.55 17.81 6.92
C PRO A 174 7.85 17.25 6.33
N PRO A 175 9.03 17.53 6.92
CA PRO A 175 10.24 16.90 6.38
C PRO A 175 10.32 15.37 6.47
N GLN A 176 9.81 14.77 7.55
CA GLN A 176 9.72 13.32 7.63
C GLN A 176 8.71 12.75 6.64
N ARG A 177 7.66 13.52 6.31
CA ARG A 177 6.72 13.09 5.29
C ARG A 177 7.48 13.06 3.94
N GLY A 178 8.38 14.03 3.77
CA GLY A 178 9.23 14.12 2.59
C GLY A 178 10.08 12.88 2.41
N LEU A 179 10.68 12.41 3.52
CA LEU A 179 11.43 11.16 3.49
C LEU A 179 10.57 9.96 3.14
N LEU A 180 9.37 9.87 3.68
CA LEU A 180 8.48 8.73 3.39
C LEU A 180 8.14 8.70 1.89
N GLU A 181 7.81 9.87 1.38
CA GLU A 181 7.61 10.04 -0.03
C GLU A 181 8.80 9.62 -0.92
N ASP A 182 10.01 10.06 -0.59
CA ASP A 182 11.27 9.58 -1.26
C ASP A 182 11.47 8.04 -1.19
N TRP A 183 11.27 7.48 0.00
CA TRP A 183 11.25 6.02 0.18
C TRP A 183 10.30 5.27 -0.74
N MET A 184 9.06 5.76 -0.86
CA MET A 184 8.05 5.11 -1.72
C MET A 184 8.28 5.39 -3.20
N ARG A 185 8.83 6.55 -3.53
CA ARG A 185 9.15 6.83 -4.91
C ARG A 185 10.22 5.87 -5.47
N ALA A 186 11.15 5.42 -4.62
CA ALA A 186 12.27 4.55 -5.05
C ALA A 186 11.83 3.10 -5.16
N ASN A 187 10.52 2.82 -5.00
CA ASN A 187 10.00 1.41 -5.00
C ASN A 187 10.15 0.76 -6.37
N GLN A 188 10.27 -0.57 -6.39
CA GLN A 188 10.60 -1.29 -7.62
C GLN A 188 9.41 -2.17 -8.02
N THR A 189 8.22 -1.83 -7.55
CA THR A 189 7.08 -2.77 -7.67
C THR A 189 5.83 -2.12 -8.27
N SER A 190 5.85 -0.80 -8.44
CA SER A 190 4.62 -0.09 -8.87
C SER A 190 3.91 -0.70 -10.07
N SER A 191 2.62 -0.92 -9.88
CA SER A 191 1.72 -1.36 -10.91
C SER A 191 1.11 -0.23 -11.70
N MET A 192 0.83 0.89 -11.03
CA MET A 192 0.11 2.01 -11.65
C MET A 192 1.03 2.76 -12.61
N ARG A 193 2.33 2.64 -12.38
CA ARG A 193 3.35 3.40 -13.09
C ARG A 193 3.26 3.13 -14.61
N ALA A 194 2.87 1.91 -14.95
CA ALA A 194 2.73 1.48 -16.33
C ALA A 194 1.58 2.16 -17.06
N GLY A 195 0.59 2.65 -16.35
CA GLY A 195 -0.52 3.34 -17.01
C GLY A 195 -0.40 4.85 -17.00
N LEU A 196 0.78 5.36 -16.69
CA LEU A 196 0.97 6.79 -16.55
C LEU A 196 1.76 7.32 -17.72
N PRO A 197 1.48 8.57 -18.12
CA PRO A 197 2.27 9.11 -19.23
C PRO A 197 3.69 9.47 -18.79
N GLU A 198 4.56 9.72 -19.76
CA GLU A 198 5.93 10.19 -19.53
C GLU A 198 6.00 11.45 -18.66
N GLY A 199 7.00 11.50 -17.78
CA GLY A 199 7.12 12.62 -16.87
C GLY A 199 6.53 12.36 -15.50
N TRP A 200 5.53 11.48 -15.43
CA TRP A 200 4.86 11.13 -14.15
C TRP A 200 5.64 10.15 -13.31
N THR A 201 5.53 10.28 -12.00
CA THR A 201 6.13 9.34 -11.09
C THR A 201 5.15 8.99 -9.95
N THR A 202 5.53 8.06 -9.07
CA THR A 202 4.61 7.62 -8.04
C THR A 202 5.34 7.38 -6.74
N ALA A 203 4.69 7.71 -5.63
CA ALA A 203 5.05 7.29 -4.33
C ALA A 203 3.85 6.41 -3.93
N ASP A 204 4.04 5.08 -4.00
CA ASP A 204 2.93 4.17 -3.90
C ASP A 204 3.37 2.83 -3.31
N LYS A 205 2.46 2.14 -2.66
CA LYS A 205 2.76 0.78 -2.21
C LYS A 205 1.79 -0.20 -2.87
N THR A 206 2.34 -1.22 -3.51
CA THR A 206 1.58 -2.29 -4.06
C THR A 206 1.37 -3.43 -3.01
N GLY A 207 0.33 -4.24 -3.27
CA GLY A 207 0.10 -5.44 -2.47
C GLY A 207 -0.48 -6.51 -3.36
N SER A 208 -0.16 -7.76 -3.08
CA SER A 208 -0.57 -8.89 -3.90
C SER A 208 -0.82 -10.04 -2.94
N GLY A 209 -1.93 -10.73 -3.14
CA GLY A 209 -2.23 -11.88 -2.29
C GLY A 209 -3.06 -12.86 -3.07
N ASP A 210 -3.69 -13.77 -2.34
CA ASP A 210 -4.48 -14.83 -2.95
C ASP A 210 -5.78 -14.31 -3.50
N TYR A 211 -6.46 -15.15 -4.28
CA TYR A 211 -7.69 -14.77 -4.95
C TYR A 211 -7.48 -13.60 -5.91
N GLY A 212 -6.24 -13.42 -6.36
CA GLY A 212 -5.94 -12.40 -7.36
C GLY A 212 -5.88 -11.01 -6.74
N SER A 213 -5.89 -10.94 -5.41
CA SER A 213 -5.89 -9.64 -4.70
C SER A 213 -4.65 -8.91 -5.15
N THR A 214 -4.83 -7.75 -5.82
CA THR A 214 -3.73 -6.94 -6.34
C THR A 214 -4.03 -5.52 -6.04
N ASN A 215 -3.21 -4.91 -5.20
CA ASN A 215 -3.47 -3.52 -4.76
C ASN A 215 -2.36 -2.62 -5.15
N ASP A 216 -2.69 -1.33 -5.25
CA ASP A 216 -1.67 -0.31 -5.40
C ASP A 216 -2.25 0.96 -4.81
N ALA A 217 -1.55 1.58 -3.88
CA ALA A 217 -2.06 2.82 -3.22
C ALA A 217 -0.95 3.84 -3.16
N GLY A 218 -1.22 5.08 -3.53
CA GLY A 218 -0.24 6.11 -3.32
C GLY A 218 -0.59 7.36 -4.08
N ILE A 219 0.40 8.18 -4.37
CA ILE A 219 0.19 9.45 -5.10
C ILE A 219 1.00 9.44 -6.39
N ALA A 220 0.36 9.85 -7.48
CA ALA A 220 0.99 10.10 -8.76
C ALA A 220 1.31 11.61 -8.91
N PHE A 221 2.55 11.90 -9.31
CA PHE A 221 3.11 13.25 -9.44
C PHE A 221 3.34 13.56 -10.90
N GLY A 222 2.64 14.59 -11.36
CA GLY A 222 2.69 15.03 -12.74
C GLY A 222 3.92 15.88 -12.98
N PRO A 223 4.28 16.00 -14.26
CA PRO A 223 5.43 16.82 -14.64
C PRO A 223 5.18 18.32 -14.39
N ASP A 224 3.91 18.72 -14.49
CA ASP A 224 3.46 20.09 -14.36
C ASP A 224 2.85 20.32 -12.98
N GLY A 225 3.40 19.63 -11.99
CA GLY A 225 3.03 19.85 -10.59
C GLY A 225 1.76 19.14 -10.12
N GLN A 226 1.07 18.45 -11.01
CA GLN A 226 -0.16 17.78 -10.59
C GLN A 226 0.06 16.58 -9.63
N ARG A 227 -0.97 16.35 -8.81
CA ARG A 227 -0.91 15.43 -7.71
C ARG A 227 -2.19 14.62 -7.60
N LEU A 228 -2.10 13.31 -7.90
CA LEU A 228 -3.25 12.45 -7.88
C LEU A 228 -3.05 11.39 -6.79
N LEU A 229 -3.99 11.35 -5.84
CA LEU A 229 -4.14 10.23 -4.89
C LEU A 229 -4.86 9.07 -5.58
N LEU A 230 -4.21 7.89 -5.66
CA LEU A 230 -4.78 6.76 -6.36
C LEU A 230 -4.72 5.54 -5.46
N VAL A 231 -5.87 4.92 -5.21
CA VAL A 231 -5.90 3.68 -4.38
C VAL A 231 -6.68 2.65 -5.20
N MET A 232 -6.01 1.58 -5.63
CA MET A 232 -6.68 0.55 -6.38
C MET A 232 -6.53 -0.82 -5.66
N MET A 233 -7.65 -1.39 -5.28
CA MET A 233 -7.77 -2.74 -4.72
C MET A 233 -8.67 -3.55 -5.63
N THR A 234 -8.14 -4.67 -6.09
CA THR A 234 -8.87 -5.55 -6.97
C THR A 234 -8.70 -7.00 -6.50
N ARG A 235 -9.71 -7.81 -6.76
CA ARG A 235 -9.59 -9.26 -6.51
C ARG A 235 -10.39 -9.97 -7.57
N SER A 236 -10.12 -11.24 -7.80
CA SER A 236 -11.00 -12.06 -8.64
C SER A 236 -12.36 -12.19 -7.98
N GLN A 237 -13.40 -12.34 -8.78
CA GLN A 237 -14.71 -12.71 -8.23
C GLN A 237 -14.76 -14.20 -7.93
N ALA A 238 -13.81 -14.96 -8.47
CA ALA A 238 -13.83 -16.42 -8.35
C ALA A 238 -13.31 -16.89 -7.01
N HIS A 239 -13.78 -18.05 -6.57
CA HIS A 239 -13.21 -18.70 -5.43
C HIS A 239 -11.99 -19.54 -5.81
N ASP A 240 -11.03 -18.92 -6.45
CA ASP A 240 -9.82 -19.61 -6.80
C ASP A 240 -8.73 -18.88 -6.03
N PRO A 241 -8.18 -19.50 -4.95
CA PRO A 241 -7.15 -18.88 -4.14
C PRO A 241 -5.96 -18.51 -4.95
N LYS A 242 -5.73 -19.28 -6.01
CA LYS A 242 -4.61 -19.12 -6.91
C LYS A 242 -5.00 -18.41 -8.21
N ALA A 243 -6.12 -17.69 -8.26
CA ALA A 243 -6.37 -16.84 -9.43
C ALA A 243 -5.16 -15.91 -9.70
N GLU A 244 -4.90 -15.66 -10.98
CA GLU A 244 -3.85 -14.78 -11.50
C GLU A 244 -3.98 -13.39 -10.87
N ASN A 245 -2.87 -12.76 -10.49
CA ASN A 245 -2.96 -11.39 -9.99
C ASN A 245 -3.18 -10.40 -11.17
N LEU A 246 -3.55 -9.17 -10.85
CA LEU A 246 -4.18 -8.31 -11.83
C LEU A 246 -3.36 -7.09 -12.11
N ARG A 247 -2.04 -7.22 -12.01
CA ARG A 247 -1.13 -6.12 -12.30
C ARG A 247 -1.39 -5.46 -13.64
N PRO A 248 -1.65 -6.24 -14.69
CA PRO A 248 -1.86 -5.38 -15.85
C PRO A 248 -3.14 -4.54 -15.73
N LEU A 249 -4.09 -4.97 -14.92
CA LEU A 249 -5.36 -4.28 -14.79
C LEU A 249 -5.21 -2.95 -14.06
N ILE A 250 -4.36 -2.87 -13.05
CA ILE A 250 -4.04 -1.65 -12.36
C ILE A 250 -3.52 -0.55 -13.31
N GLY A 251 -2.58 -0.93 -14.17
CA GLY A 251 -2.04 -0.03 -15.16
C GLY A 251 -3.11 0.47 -16.09
N GLU A 252 -3.93 -0.46 -16.60
CA GLU A 252 -5.13 -0.12 -17.36
C GLU A 252 -6.14 0.75 -16.60
N LEU A 253 -6.34 0.47 -15.31
CA LEU A 253 -7.19 1.34 -14.51
C LEU A 253 -6.60 2.75 -14.39
N THR A 254 -5.30 2.84 -14.16
CA THR A 254 -4.59 4.07 -13.96
C THR A 254 -4.82 4.99 -15.19
N ALA A 255 -4.69 4.43 -16.40
CA ALA A 255 -4.83 5.17 -17.68
C ALA A 255 -6.27 5.52 -17.90
N LEU A 256 -7.17 4.70 -17.40
CA LEU A 256 -8.58 4.97 -17.59
C LEU A 256 -9.01 6.19 -16.74
N VAL A 257 -8.59 6.25 -15.49
CA VAL A 257 -9.13 7.28 -14.60
C VAL A 257 -8.47 8.62 -14.76
N LEU A 258 -7.25 8.61 -15.24
CA LEU A 258 -6.44 9.81 -15.28
C LEU A 258 -7.10 10.95 -16.07
N PRO A 259 -7.67 10.66 -17.25
CA PRO A 259 -8.31 11.72 -17.97
C PRO A 259 -9.55 12.30 -17.27
N SER A 260 -10.23 11.53 -16.42
CA SER A 260 -11.37 12.13 -15.76
C SER A 260 -11.03 12.87 -14.45
N LEU A 261 -9.74 12.91 -14.10
CA LEU A 261 -9.27 13.63 -12.92
C LEU A 261 -8.53 14.92 -13.28
N LEU A 262 -8.12 15.03 -14.53
CA LEU A 262 -7.32 16.16 -14.99
C LEU A 262 -8.15 17.19 -15.74
#